data_7AVM
#
_entry.id   7AVM
#
_cell.length_a   123.190
_cell.length_b   123.190
_cell.length_c   53.910
_cell.angle_alpha   90.000
_cell.angle_beta   90.000
_cell.angle_gamma   120.000
#
_symmetry.space_group_name_H-M   'H 3'
#
loop_
_entity.id
_entity.type
_entity.pdbx_description
1 polymer 'Cysteine protease'
2 non-polymer GLYCEROL
3 water water
#
_entity_poly.entity_id   1
_entity_poly.type   'polypeptide(L)'
_entity_poly.pdbx_seq_one_letter_code
;MACLASVALGSLHVEESLEMRFAAFKKKYGKVYKDAKEEAFRFRAFEENMEQAKIQAAANPYATFGVTPFSDMTREEFRA
RYRNGASYFAAAQKRLRKTVNVTTGRAPAAVDWREKGAVTPVKDQGQCGSAWAFSTIGNIEGQWQVAGNPLVSLSEQMLV
SCDTIDFGCGGGLMDNAFNWIVNSNGGNVFTEASYPYVSGNGEQPQCQMNGHEIGAAITDHVDLPQDEDAIAAYLAENGP
LAIAVDATSFMDYNGGILTSCTSEQLDHGVLLVGYNDASNPPYWIIKNSWSNMWGEDGYIRIEKGTNQCLMNQAVSSAVV
GGPENLYFQ
;
_entity_poly.pdbx_strand_id   A
#
# COMPACT_ATOMS: atom_id res chain seq x y z
N GLU A 19 25.70 -15.35 -12.41
CA GLU A 19 25.03 -16.47 -11.66
C GLU A 19 25.40 -16.42 -10.18
N MET A 20 26.43 -15.63 -9.84
CA MET A 20 26.81 -15.43 -8.46
C MET A 20 25.75 -14.60 -7.75
N ARG A 21 25.13 -13.66 -8.48
CA ARG A 21 24.18 -12.72 -7.91
C ARG A 21 22.83 -13.39 -7.69
N PHE A 22 22.61 -14.53 -8.32
CA PHE A 22 21.42 -15.33 -8.07
C PHE A 22 21.57 -16.10 -6.76
N ALA A 23 22.80 -16.52 -6.48
CA ALA A 23 23.15 -17.25 -5.27
C ALA A 23 23.13 -16.28 -4.09
N ALA A 24 23.62 -15.07 -4.36
CA ALA A 24 23.50 -13.93 -3.45
C ALA A 24 22.03 -13.67 -3.16
N PHE A 25 21.18 -13.76 -4.19
CA PHE A 25 19.77 -13.53 -4.02
C PHE A 25 19.17 -14.59 -3.10
N LYS A 26 19.44 -15.86 -3.42
CA LYS A 26 19.04 -17.00 -2.61
C LYS A 26 19.50 -16.81 -1.18
N LYS A 27 20.77 -16.41 -0.98
CA LYS A 27 21.31 -16.31 0.37
C LYS A 27 20.73 -15.11 1.11
N LYS A 28 20.23 -14.13 0.38
CA LYS A 28 19.73 -12.88 0.91
C LYS A 28 18.29 -13.05 1.40
N TYR A 29 17.52 -13.93 0.74
CA TYR A 29 16.11 -14.10 1.05
C TYR A 29 15.85 -15.52 1.53
N GLY A 30 16.90 -16.21 1.96
CA GLY A 30 16.88 -17.62 2.38
C GLY A 30 16.02 -18.54 1.50
N LYS A 31 16.10 -18.40 0.16
CA LYS A 31 15.27 -19.22 -0.72
C LYS A 31 15.78 -20.66 -0.76
N VAL A 32 14.94 -21.57 -0.30
CA VAL A 32 15.26 -23.00 -0.31
C VAL A 32 14.27 -23.67 -1.25
N TYR A 33 14.71 -23.93 -2.48
CA TYR A 33 13.85 -24.55 -3.49
C TYR A 33 13.57 -26.03 -3.23
N LYS A 34 12.57 -26.56 -3.93
CA LYS A 34 12.18 -27.96 -3.78
C LYS A 34 13.21 -28.90 -4.40
N ASP A 35 13.42 -28.77 -5.71
CA ASP A 35 14.37 -29.61 -6.41
C ASP A 35 15.05 -28.87 -7.55
N ALA A 36 15.82 -29.59 -8.36
CA ALA A 36 16.53 -29.00 -9.48
C ALA A 36 15.57 -28.27 -10.42
N LYS A 37 14.45 -28.91 -10.73
CA LYS A 37 13.44 -28.31 -11.61
C LYS A 37 12.84 -26.99 -11.11
N GLU A 38 12.44 -26.96 -9.84
CA GLU A 38 11.86 -25.75 -9.26
C GLU A 38 12.85 -24.57 -9.33
N GLU A 39 14.13 -24.88 -9.07
CA GLU A 39 15.21 -23.85 -9.08
C GLU A 39 15.53 -23.49 -10.52
N ALA A 40 15.36 -24.45 -11.39
CA ALA A 40 15.75 -24.27 -12.78
C ALA A 40 15.12 -23.03 -13.41
N PHE A 41 13.80 -22.93 -13.35
CA PHE A 41 13.11 -21.79 -13.92
C PHE A 41 13.45 -20.52 -13.15
N ARG A 42 13.31 -20.60 -11.82
CA ARG A 42 13.56 -19.46 -10.92
C ARG A 42 14.82 -18.74 -11.36
N PHE A 43 15.78 -19.46 -11.89
CA PHE A 43 17.02 -18.91 -12.42
C PHE A 43 16.81 -18.35 -13.82
N ARG A 44 16.22 -19.14 -14.73
CA ARG A 44 15.82 -18.65 -16.05
C ARG A 44 14.98 -17.40 -15.80
N ALA A 45 13.98 -17.56 -14.93
CA ALA A 45 13.06 -16.53 -14.47
C ALA A 45 13.81 -15.34 -13.86
N PHE A 46 14.81 -15.62 -13.01
CA PHE A 46 15.71 -14.61 -12.48
C PHE A 46 16.42 -13.88 -13.63
N GLU A 47 16.88 -14.66 -14.62
CA GLU A 47 17.59 -14.15 -15.79
C GLU A 47 16.70 -13.18 -16.57
N GLU A 48 15.45 -13.61 -16.76
CA GLU A 48 14.47 -12.81 -17.55
C GLU A 48 14.07 -11.57 -16.78
N ASN A 49 13.99 -11.66 -15.47
CA ASN A 49 13.58 -10.51 -14.68
C ASN A 49 14.69 -9.47 -14.69
N MET A 50 15.93 -9.95 -14.73
CA MET A 50 17.09 -9.07 -14.80
C MET A 50 17.16 -8.52 -16.22
N GLU A 51 16.73 -9.33 -17.17
CA GLU A 51 16.72 -8.95 -18.58
C GLU A 51 15.72 -7.82 -18.79
N GLN A 52 14.54 -7.98 -18.20
CA GLN A 52 13.47 -6.98 -18.30
C GLN A 52 13.79 -5.75 -17.46
N ALA A 53 14.57 -5.95 -16.40
CA ALA A 53 14.93 -4.84 -15.53
C ALA A 53 15.75 -3.79 -16.25
N LYS A 54 16.42 -4.21 -17.32
CA LYS A 54 17.31 -3.30 -18.11
C LYS A 54 16.51 -2.71 -19.27
N ILE A 55 15.34 -3.25 -19.53
CA ILE A 55 14.41 -2.64 -20.52
C ILE A 55 13.86 -1.36 -19.89
N GLN A 56 13.40 -1.41 -18.62
CA GLN A 56 12.83 -0.24 -17.91
C GLN A 56 13.97 0.59 -17.36
N ALA A 57 15.19 0.10 -17.52
CA ALA A 57 16.36 0.74 -17.06
C ALA A 57 16.22 2.19 -17.51
N ASN A 60 10.76 3.67 -16.40
CA ASN A 60 11.13 5.01 -15.89
C ASN A 60 12.63 5.27 -15.96
N PRO A 61 13.24 5.69 -17.09
CA PRO A 61 14.70 5.82 -17.17
C PRO A 61 15.46 6.32 -15.92
N TYR A 62 14.97 7.40 -15.27
CA TYR A 62 15.67 8.10 -14.13
C TYR A 62 15.34 7.47 -12.77
N ALA A 63 15.26 6.16 -12.73
CA ALA A 63 14.99 5.40 -11.54
C ALA A 63 15.92 4.18 -11.61
N THR A 64 16.09 3.48 -10.50
CA THR A 64 16.97 2.33 -10.56
C THR A 64 16.17 1.07 -10.49
N PHE A 65 16.57 0.04 -11.20
CA PHE A 65 15.87 -1.22 -11.22
C PHE A 65 16.85 -2.33 -11.01
N GLY A 66 16.47 -3.40 -10.34
CA GLY A 66 17.42 -4.45 -10.14
C GLY A 66 16.93 -5.71 -9.49
N VAL A 67 17.69 -6.21 -8.55
CA VAL A 67 17.32 -7.40 -7.86
C VAL A 67 16.46 -7.03 -6.69
N THR A 68 15.31 -7.67 -6.56
CA THR A 68 14.36 -7.46 -5.48
C THR A 68 13.97 -8.83 -4.90
N PRO A 69 13.04 -8.87 -3.93
CA PRO A 69 12.68 -10.18 -3.39
C PRO A 69 11.85 -11.09 -4.29
N PHE A 70 11.40 -10.58 -5.44
CA PHE A 70 10.54 -11.34 -6.35
C PHE A 70 11.17 -11.42 -7.73
N SER A 71 12.48 -11.34 -7.78
CA SER A 71 13.24 -11.64 -8.99
C SER A 71 13.18 -13.19 -9.24
N ASP A 72 12.68 -13.89 -8.23
CA ASP A 72 12.55 -15.36 -8.29
C ASP A 72 11.35 -15.70 -9.15
N MET A 73 10.32 -14.86 -9.11
CA MET A 73 9.08 -15.23 -9.79
C MET A 73 8.88 -14.63 -11.15
N THR A 74 8.01 -15.22 -11.93
CA THR A 74 7.73 -14.79 -13.27
C THR A 74 6.66 -13.73 -13.31
N ARG A 75 6.74 -12.91 -14.38
CA ARG A 75 5.79 -11.78 -14.59
C ARG A 75 4.53 -12.27 -15.28
N GLU A 76 4.17 -13.53 -15.05
CA GLU A 76 2.90 -14.05 -15.59
C GLU A 76 2.08 -14.33 -14.35
N GLU A 77 2.74 -14.74 -13.27
CA GLU A 77 2.07 -14.99 -12.01
C GLU A 77 1.80 -13.65 -11.33
N PHE A 78 2.84 -12.81 -11.32
CA PHE A 78 2.75 -11.45 -10.82
C PHE A 78 1.46 -10.83 -11.37
N ARG A 79 1.37 -10.76 -12.70
CA ARG A 79 0.23 -10.19 -13.39
C ARG A 79 -1.02 -11.04 -13.16
N ALA A 80 -0.80 -12.30 -12.77
CA ALA A 80 -1.90 -13.19 -12.40
C ALA A 80 -2.30 -12.96 -10.96
N ARG A 81 -1.35 -12.55 -10.10
CA ARG A 81 -1.63 -12.33 -8.68
C ARG A 81 -2.59 -11.15 -8.53
N TYR A 82 -2.70 -10.33 -9.59
CA TYR A 82 -3.47 -9.11 -9.54
C TYR A 82 -4.78 -9.21 -10.31
N ARG A 83 -5.04 -10.34 -10.97
CA ARG A 83 -6.20 -10.49 -11.86
C ARG A 83 -7.46 -10.14 -11.08
N ASN A 84 -7.57 -10.72 -9.87
CA ASN A 84 -8.63 -10.45 -8.91
C ASN A 84 -8.66 -8.96 -8.55
N GLY A 85 -7.52 -8.46 -8.05
CA GLY A 85 -7.38 -7.05 -7.68
C GLY A 85 -7.95 -6.13 -8.75
N ALA A 86 -7.44 -6.28 -9.97
CA ALA A 86 -7.89 -5.51 -11.11
C ALA A 86 -9.41 -5.54 -11.16
N SER A 87 -9.98 -6.73 -11.01
CA SER A 87 -11.43 -6.85 -11.20
C SER A 87 -12.23 -6.24 -10.04
N TYR A 88 -11.64 -6.08 -8.85
CA TYR A 88 -12.34 -5.45 -7.73
C TYR A 88 -12.42 -3.94 -7.94
N PHE A 89 -11.28 -3.36 -8.35
CA PHE A 89 -11.22 -1.94 -8.60
C PHE A 89 -12.12 -1.55 -9.78
N ALA A 90 -12.12 -2.36 -10.84
CA ALA A 90 -12.99 -2.03 -11.97
C ALA A 90 -14.45 -2.02 -11.52
N ALA A 91 -14.82 -3.00 -10.68
CA ALA A 91 -16.15 -3.09 -10.12
C ALA A 91 -16.46 -1.90 -9.19
N ALA A 92 -15.48 -1.49 -8.38
CA ALA A 92 -15.67 -0.32 -7.53
C ALA A 92 -15.84 0.96 -8.36
N GLN A 93 -15.11 1.05 -9.49
CA GLN A 93 -15.10 2.22 -10.36
C GLN A 93 -16.49 2.45 -10.95
N LYS A 94 -17.23 1.34 -11.18
CA LYS A 94 -18.54 1.35 -11.80
C LYS A 94 -19.57 1.94 -10.83
N ARG A 95 -19.22 2.00 -9.55
CA ARG A 95 -20.09 2.50 -8.51
C ARG A 95 -19.72 3.94 -8.17
N LEU A 96 -20.73 4.66 -7.71
CA LEU A 96 -20.65 6.06 -7.32
C LEU A 96 -19.81 6.31 -6.09
N ARG A 97 -18.80 7.12 -6.26
CA ARG A 97 -17.94 7.46 -5.17
C ARG A 97 -18.33 8.87 -4.78
N LYS A 98 -18.62 9.11 -3.52
CA LYS A 98 -18.94 10.45 -3.09
C LYS A 98 -17.62 11.11 -2.82
N THR A 99 -17.28 12.13 -3.57
CA THR A 99 -16.05 12.84 -3.30
C THR A 99 -16.30 13.89 -2.28
N VAL A 100 -15.27 14.29 -1.56
CA VAL A 100 -15.40 15.33 -0.57
C VAL A 100 -14.59 16.48 -1.05
N ASN A 101 -15.09 17.69 -0.93
CA ASN A 101 -14.37 18.87 -1.39
C ASN A 101 -13.14 19.14 -0.57
N VAL A 102 -12.10 19.61 -1.23
CA VAL A 102 -10.90 19.94 -0.50
C VAL A 102 -10.80 21.43 -0.44
N THR A 103 -10.83 21.87 0.81
CA THR A 103 -10.84 23.23 1.30
C THR A 103 -9.66 24.03 0.84
N THR A 104 -8.64 23.36 0.35
CA THR A 104 -7.51 24.11 -0.16
C THR A 104 -7.10 25.26 0.76
N ALA A 107 -1.20 24.17 0.27
CA ALA A 107 -0.56 23.19 -0.61
C ALA A 107 0.96 23.34 -0.67
N PRO A 108 1.65 23.06 0.46
CA PRO A 108 3.10 23.15 0.56
C PRO A 108 3.82 22.42 -0.57
N ALA A 109 4.85 23.05 -1.13
CA ALA A 109 5.62 22.47 -2.22
C ALA A 109 6.09 21.04 -1.92
N ALA A 110 6.26 20.73 -0.64
CA ALA A 110 6.70 19.41 -0.24
C ALA A 110 6.24 19.10 1.19
N VAL A 111 5.68 17.90 1.35
CA VAL A 111 5.37 17.31 2.63
C VAL A 111 5.75 15.84 2.54
N ASP A 112 5.99 15.25 3.72
CA ASP A 112 6.48 13.89 3.84
C ASP A 112 6.17 13.45 5.27
N TRP A 113 5.19 12.58 5.44
CA TRP A 113 4.60 12.35 6.75
C TRP A 113 5.46 11.40 7.57
N ARG A 114 6.59 10.98 6.99
CA ARG A 114 7.45 9.99 7.63
C ARG A 114 8.24 10.67 8.73
N GLU A 115 8.81 11.84 8.39
CA GLU A 115 9.55 12.71 9.28
C GLU A 115 8.63 13.21 10.41
N LYS A 116 7.32 13.32 10.12
CA LYS A 116 6.35 13.89 11.04
C LYS A 116 5.70 12.78 11.87
N GLY A 117 6.40 11.65 11.96
CA GLY A 117 6.02 10.56 12.83
C GLY A 117 4.58 10.11 12.63
N ALA A 118 4.10 10.23 11.37
CA ALA A 118 2.75 9.83 11.00
C ALA A 118 2.75 8.52 10.20
N VAL A 119 3.91 7.85 10.12
CA VAL A 119 4.07 6.63 9.34
C VAL A 119 4.86 5.62 10.16
N THR A 120 4.32 4.40 10.30
CA THR A 120 4.97 3.31 11.01
C THR A 120 6.01 2.61 10.12
N PRO A 121 6.99 1.87 10.71
CA PRO A 121 7.86 0.98 9.93
C PRO A 121 7.12 0.11 8.91
N VAL A 122 7.80 -0.12 7.78
CA VAL A 122 7.18 -0.88 6.66
C VAL A 122 6.93 -2.33 7.08
N LYS A 123 5.84 -2.91 6.59
CA LYS A 123 5.42 -4.27 6.93
C LYS A 123 5.40 -5.17 5.68
N ASP A 124 5.01 -6.43 5.87
CA ASP A 124 5.09 -7.41 4.80
C ASP A 124 3.81 -8.25 4.73
N GLN A 125 3.08 -8.12 3.62
CA GLN A 125 1.83 -8.84 3.42
C GLN A 125 2.11 -10.32 3.18
N GLY A 126 3.34 -10.65 2.81
CA GLY A 126 3.73 -12.03 2.58
C GLY A 126 2.96 -12.62 1.42
N GLN A 127 2.79 -13.95 1.46
CA GLN A 127 2.15 -14.71 0.41
C GLN A 127 0.64 -14.60 0.61
N CYS A 128 0.14 -13.36 0.76
CA CYS A 128 -1.26 -13.05 1.02
C CYS A 128 -1.70 -11.84 0.19
N GLY A 129 -2.84 -11.93 -0.49
CA GLY A 129 -3.36 -10.83 -1.30
C GLY A 129 -4.00 -9.75 -0.44
N SER A 130 -3.28 -9.25 0.54
CA SER A 130 -3.91 -8.51 1.62
C SER A 130 -3.50 -7.04 1.64
N ALA A 131 -3.12 -6.50 0.46
CA ALA A 131 -2.53 -5.18 0.43
C ALA A 131 -3.62 -4.13 0.69
N TRP A 132 -4.84 -4.43 0.25
CA TRP A 132 -5.98 -3.61 0.58
C TRP A 132 -6.04 -3.35 2.10
N ALA A 133 -5.78 -4.41 2.90
CA ALA A 133 -5.84 -4.29 4.35
C ALA A 133 -4.70 -3.42 4.87
N PHE A 134 -3.52 -3.54 4.25
CA PHE A 134 -2.36 -2.76 4.62
C PHE A 134 -2.53 -1.28 4.23
N SER A 135 -3.24 -1.02 3.13
CA SER A 135 -3.47 0.35 2.73
C SER A 135 -4.39 1.02 3.75
N THR A 136 -5.43 0.29 4.13
CA THR A 136 -6.41 0.81 5.10
C THR A 136 -5.70 1.09 6.42
N ILE A 137 -5.02 0.08 6.98
CA ILE A 137 -4.39 0.27 8.27
C ILE A 137 -3.39 1.43 8.24
N GLY A 138 -2.62 1.55 7.15
CA GLY A 138 -1.60 2.59 7.11
C GLY A 138 -2.21 3.99 7.17
N ASN A 139 -3.26 4.19 6.36
CA ASN A 139 -4.05 5.40 6.28
C ASN A 139 -4.63 5.78 7.64
N ILE A 140 -5.24 4.79 8.29
CA ILE A 140 -5.85 4.99 9.60
C ILE A 140 -4.79 5.47 10.58
N GLU A 141 -3.63 4.82 10.56
CA GLU A 141 -2.54 5.18 11.45
C GLU A 141 -2.10 6.63 11.26
N GLY A 142 -2.04 7.07 10.00
CA GLY A 142 -1.64 8.42 9.69
C GLY A 142 -2.66 9.45 10.13
N GLN A 143 -3.93 9.20 9.82
CA GLN A 143 -5.00 10.11 10.19
C GLN A 143 -5.12 10.23 11.71
N TRP A 144 -4.95 9.10 12.39
CA TRP A 144 -5.04 9.06 13.84
C TRP A 144 -3.92 9.91 14.45
N GLN A 145 -2.71 9.82 13.89
CA GLN A 145 -1.59 10.56 14.45
C GLN A 145 -1.69 12.04 14.09
N VAL A 146 -2.31 12.35 12.95
CA VAL A 146 -2.39 13.75 12.53
C VAL A 146 -3.51 14.44 13.31
N ALA A 147 -4.51 13.65 13.72
CA ALA A 147 -5.49 14.12 14.69
C ALA A 147 -4.77 14.74 15.89
N GLY A 148 -3.62 14.18 16.27
CA GLY A 148 -2.85 14.61 17.43
C GLY A 148 -2.78 13.51 18.49
N ASN A 149 -2.82 12.25 18.06
CA ASN A 149 -2.70 11.13 18.96
C ASN A 149 -1.27 10.59 18.86
N PRO A 150 -0.78 9.81 19.83
CA PRO A 150 0.54 9.17 19.73
C PRO A 150 0.49 8.06 18.68
N LEU A 151 1.47 8.06 17.76
CA LEU A 151 1.54 7.09 16.67
C LEU A 151 1.49 5.68 17.24
N VAL A 152 0.73 4.80 16.58
CA VAL A 152 0.48 3.47 17.09
C VAL A 152 0.19 2.55 15.89
N SER A 153 0.93 1.44 15.83
CA SER A 153 0.70 0.43 14.81
C SER A 153 -0.64 -0.24 15.06
N LEU A 154 -1.34 -0.59 13.97
CA LEU A 154 -2.67 -1.20 14.07
C LEU A 154 -2.68 -2.51 13.26
N SER A 155 -3.78 -3.28 13.38
CA SER A 155 -3.90 -4.67 12.94
C SER A 155 -4.55 -4.80 11.56
N GLU A 156 -3.87 -5.51 10.63
CA GLU A 156 -4.39 -5.86 9.32
C GLU A 156 -5.16 -7.17 9.42
N GLN A 157 -4.65 -8.07 10.26
CA GLN A 157 -5.29 -9.35 10.53
C GLN A 157 -6.79 -9.18 10.81
N MET A 158 -7.13 -8.18 11.63
CA MET A 158 -8.52 -7.84 11.92
C MET A 158 -9.31 -7.89 10.60
N LEU A 159 -8.90 -7.02 9.66
CA LEU A 159 -9.51 -6.90 8.34
C LEU A 159 -9.42 -8.24 7.61
N VAL A 160 -8.25 -8.88 7.66
CA VAL A 160 -8.03 -10.03 6.80
C VAL A 160 -8.96 -11.17 7.22
N SER A 161 -9.16 -11.34 8.53
CA SER A 161 -9.96 -12.45 9.05
C SER A 161 -11.42 -12.07 9.36
N CYS A 162 -11.68 -10.80 9.72
CA CYS A 162 -12.97 -10.42 10.30
C CYS A 162 -13.84 -9.57 9.36
N ASP A 163 -13.30 -9.08 8.23
CA ASP A 163 -14.06 -8.26 7.29
C ASP A 163 -14.73 -9.16 6.24
N THR A 164 -16.04 -9.37 6.41
CA THR A 164 -16.81 -10.33 5.62
C THR A 164 -17.27 -9.71 4.30
N ILE A 165 -17.08 -8.39 4.15
CA ILE A 165 -17.35 -7.77 2.86
C ILE A 165 -16.24 -8.19 1.90
N ASP A 166 -15.00 -8.21 2.39
CA ASP A 166 -13.81 -8.45 1.58
C ASP A 166 -13.42 -9.94 1.59
N PHE A 167 -12.29 -10.28 0.97
CA PHE A 167 -11.95 -11.66 0.68
C PHE A 167 -10.58 -12.05 1.23
N GLY A 168 -10.14 -11.40 2.32
CA GLY A 168 -8.90 -11.79 3.01
C GLY A 168 -7.68 -11.86 2.09
N CYS A 169 -7.10 -13.07 1.99
CA CYS A 169 -5.89 -13.21 1.19
C CYS A 169 -6.26 -13.21 -0.29
N GLY A 170 -7.57 -13.30 -0.58
CA GLY A 170 -8.09 -13.27 -1.93
C GLY A 170 -8.20 -11.86 -2.52
N GLY A 171 -8.15 -10.84 -1.66
CA GLY A 171 -8.17 -9.45 -2.10
C GLY A 171 -9.38 -8.66 -1.59
N GLY A 172 -9.45 -7.38 -1.95
CA GLY A 172 -10.47 -6.53 -1.36
C GLY A 172 -10.29 -5.07 -1.76
N LEU A 173 -11.16 -4.20 -1.24
CA LEU A 173 -11.13 -2.77 -1.53
C LEU A 173 -11.01 -2.04 -0.20
N MET A 174 -10.22 -0.96 -0.17
CA MET A 174 -10.07 -0.17 1.03
C MET A 174 -11.43 0.37 1.46
N ASP A 175 -12.26 0.74 0.46
CA ASP A 175 -13.58 1.30 0.69
C ASP A 175 -14.46 0.29 1.43
N ASN A 176 -14.46 -0.96 0.96
CA ASN A 176 -15.19 -2.02 1.65
C ASN A 176 -14.80 -2.06 3.14
N ALA A 177 -13.50 -2.01 3.42
CA ALA A 177 -12.95 -2.17 4.76
C ALA A 177 -13.26 -0.95 5.65
N PHE A 178 -13.12 0.27 5.09
CA PHE A 178 -13.55 1.43 5.85
C PHE A 178 -14.98 1.20 6.33
N ASN A 179 -15.85 0.80 5.38
CA ASN A 179 -17.25 0.51 5.67
C ASN A 179 -17.39 -0.61 6.70
N TRP A 180 -16.53 -1.63 6.65
CA TRP A 180 -16.68 -2.72 7.60
C TRP A 180 -16.31 -2.26 9.01
N ILE A 181 -15.28 -1.43 9.14
CA ILE A 181 -14.84 -1.00 10.46
C ILE A 181 -15.98 -0.23 11.12
N VAL A 182 -16.49 0.79 10.42
CA VAL A 182 -17.48 1.72 10.94
C VAL A 182 -18.81 1.01 11.16
N ASN A 183 -19.21 0.15 10.22
CA ASN A 183 -20.58 -0.35 10.17
C ASN A 183 -20.74 -1.72 10.82
N SER A 184 -19.61 -2.40 11.12
CA SER A 184 -19.67 -3.73 11.69
C SER A 184 -18.72 -3.87 12.87
N ASN A 185 -17.93 -2.83 13.17
CA ASN A 185 -16.94 -2.91 14.24
C ASN A 185 -16.82 -1.56 14.94
N GLY A 186 -17.88 -0.75 14.85
CA GLY A 186 -18.09 0.38 15.73
C GLY A 186 -17.13 1.54 15.53
N GLY A 187 -16.34 1.47 14.45
CA GLY A 187 -15.36 2.51 14.15
C GLY A 187 -14.02 2.17 14.81
N ASN A 188 -13.90 0.93 15.26
CA ASN A 188 -12.78 0.50 16.10
C ASN A 188 -11.75 -0.28 15.32
N VAL A 189 -10.48 0.06 15.57
CA VAL A 189 -9.32 -0.62 14.99
C VAL A 189 -8.43 -1.17 16.11
N PHE A 190 -8.14 -2.47 16.06
CA PHE A 190 -7.26 -3.10 17.03
C PHE A 190 -5.80 -2.87 16.67
N THR A 191 -4.96 -2.70 17.70
CA THR A 191 -3.52 -2.52 17.54
C THR A 191 -2.91 -3.77 16.90
N GLU A 192 -1.78 -3.60 16.21
CA GLU A 192 -1.03 -4.70 15.65
C GLU A 192 -0.57 -5.62 16.78
N ALA A 193 -0.07 -5.01 17.87
CA ALA A 193 0.53 -5.74 18.99
C ALA A 193 -0.46 -6.79 19.51
N SER A 194 -1.71 -6.36 19.75
CA SER A 194 -2.73 -7.18 20.37
C SER A 194 -3.36 -8.14 19.37
N TYR A 195 -3.35 -7.77 18.07
CA TYR A 195 -3.84 -8.61 16.99
C TYR A 195 -2.75 -8.67 15.92
N PRO A 196 -1.82 -9.65 16.01
CA PRO A 196 -0.63 -9.68 15.16
C PRO A 196 -0.92 -10.27 13.78
N TYR A 197 -0.16 -9.80 12.77
CA TYR A 197 -0.29 -10.27 11.40
C TYR A 197 0.31 -11.67 11.25
N VAL A 198 -0.52 -12.66 10.92
CA VAL A 198 -0.11 -14.06 10.90
C VAL A 198 -0.44 -14.67 9.55
N SER A 199 -0.96 -13.87 8.61
CA SER A 199 -1.38 -14.39 7.31
C SER A 199 -0.23 -14.37 6.33
N GLY A 200 0.95 -13.95 6.79
CA GLY A 200 2.11 -13.83 5.91
C GLY A 200 2.33 -15.10 5.12
N ASN A 201 1.98 -16.25 5.72
CA ASN A 201 2.28 -17.55 5.12
C ASN A 201 1.10 -18.02 4.28
N GLY A 202 0.04 -17.21 4.20
CA GLY A 202 -1.12 -17.48 3.36
C GLY A 202 -2.24 -18.19 4.11
N GLU A 203 -1.99 -18.52 5.39
CA GLU A 203 -2.97 -19.14 6.26
C GLU A 203 -4.05 -18.11 6.59
N GLN A 204 -5.29 -18.58 6.73
CA GLN A 204 -6.43 -17.71 7.06
C GLN A 204 -7.19 -18.25 8.26
N PRO A 205 -6.78 -17.89 9.51
CA PRO A 205 -7.47 -18.35 10.72
C PRO A 205 -8.81 -17.63 10.84
N GLN A 206 -9.65 -18.14 11.75
CA GLN A 206 -10.99 -17.61 11.95
C GLN A 206 -10.89 -16.28 12.66
N CYS A 207 -11.94 -15.46 12.54
CA CYS A 207 -11.98 -14.16 13.18
C CYS A 207 -11.96 -14.37 14.69
N GLN A 208 -11.20 -13.52 15.40
CA GLN A 208 -11.02 -13.58 16.84
C GLN A 208 -11.40 -12.21 17.40
N MET A 209 -12.53 -12.15 18.12
CA MET A 209 -13.08 -10.90 18.60
C MET A 209 -12.53 -10.54 19.98
N ASN A 210 -12.02 -11.54 20.70
CA ASN A 210 -11.56 -11.36 22.07
C ASN A 210 -10.04 -11.27 22.14
N GLY A 211 -9.56 -10.45 23.08
CA GLY A 211 -8.15 -10.44 23.45
C GLY A 211 -7.38 -9.38 22.68
N HIS A 212 -8.05 -8.25 22.39
CA HIS A 212 -7.45 -7.20 21.60
C HIS A 212 -7.58 -5.88 22.35
N GLU A 213 -6.71 -4.92 21.99
CA GLU A 213 -6.83 -3.56 22.49
C GLU A 213 -7.10 -2.64 21.29
N ILE A 214 -8.01 -1.69 21.50
CA ILE A 214 -8.40 -0.79 20.43
C ILE A 214 -7.30 0.27 20.30
N GLY A 215 -6.76 0.42 19.09
CA GLY A 215 -5.69 1.39 18.88
C GLY A 215 -6.22 2.73 18.37
N ALA A 216 -7.28 2.69 17.56
CA ALA A 216 -7.81 3.93 16.99
C ALA A 216 -9.31 3.81 16.77
N ALA A 217 -9.94 4.96 16.48
CA ALA A 217 -11.36 5.04 16.17
C ALA A 217 -11.57 5.93 14.95
N ILE A 218 -12.47 5.48 14.06
CA ILE A 218 -12.90 6.25 12.91
C ILE A 218 -14.41 6.37 12.97
N THR A 219 -14.94 7.44 12.37
CA THR A 219 -16.34 7.80 12.41
C THR A 219 -16.94 7.55 11.03
N ASP A 220 -16.13 7.80 10.00
CA ASP A 220 -16.54 7.66 8.61
C ASP A 220 -15.29 7.48 7.76
N HIS A 221 -15.49 7.51 6.43
CA HIS A 221 -14.40 7.67 5.49
C HIS A 221 -14.91 8.53 4.35
N VAL A 222 -13.96 9.16 3.65
CA VAL A 222 -14.26 9.94 2.48
C VAL A 222 -13.46 9.36 1.32
N ASP A 223 -13.98 9.60 0.11
CA ASP A 223 -13.26 9.35 -1.12
C ASP A 223 -12.75 10.71 -1.58
N LEU A 224 -11.76 10.72 -2.46
CA LEU A 224 -11.22 11.99 -2.93
C LEU A 224 -11.49 12.07 -4.42
N PRO A 225 -11.58 13.27 -5.03
CA PRO A 225 -11.82 13.37 -6.47
C PRO A 225 -10.56 12.93 -7.19
N GLN A 226 -10.70 12.68 -8.50
CA GLN A 226 -9.58 12.22 -9.32
C GLN A 226 -8.79 13.43 -9.79
N ASP A 227 -8.28 14.17 -8.80
CA ASP A 227 -7.46 15.36 -9.00
C ASP A 227 -6.20 15.30 -8.12
N GLU A 228 -5.04 15.24 -8.76
CA GLU A 228 -3.77 15.10 -8.00
C GLU A 228 -3.54 16.33 -7.12
N ASP A 229 -3.80 17.53 -7.68
CA ASP A 229 -3.64 18.75 -6.90
C ASP A 229 -4.53 18.71 -5.67
N ALA A 230 -5.76 18.22 -5.85
CA ALA A 230 -6.72 18.12 -4.75
C ALA A 230 -6.22 17.15 -3.68
N ILE A 231 -5.69 15.98 -4.13
CA ILE A 231 -5.27 14.89 -3.26
C ILE A 231 -4.14 15.37 -2.36
N ALA A 232 -3.19 16.10 -2.96
CA ALA A 232 -2.02 16.64 -2.29
C ALA A 232 -2.41 17.61 -1.18
N ALA A 233 -3.40 18.47 -1.45
CA ALA A 233 -3.84 19.43 -0.45
C ALA A 233 -4.44 18.70 0.76
N TYR A 234 -5.20 17.62 0.51
CA TYR A 234 -5.89 16.93 1.60
C TYR A 234 -4.89 16.06 2.37
N LEU A 235 -3.86 15.60 1.67
CA LEU A 235 -2.79 14.82 2.27
C LEU A 235 -1.93 15.74 3.13
N ALA A 236 -1.51 16.86 2.53
CA ALA A 236 -0.74 17.89 3.21
C ALA A 236 -1.45 18.36 4.48
N GLU A 237 -2.79 18.33 4.46
CA GLU A 237 -3.60 18.84 5.55
C GLU A 237 -3.96 17.74 6.57
N ASN A 238 -4.18 16.50 6.12
CA ASN A 238 -4.82 15.50 6.98
C ASN A 238 -3.93 14.29 7.21
N GLY A 239 -2.98 14.03 6.29
CA GLY A 239 -2.07 12.92 6.50
C GLY A 239 -2.17 11.85 5.40
N PRO A 240 -1.48 10.68 5.60
CA PRO A 240 -1.47 9.62 4.60
C PRO A 240 -2.85 9.10 4.17
N LEU A 241 -3.03 8.88 2.88
CA LEU A 241 -4.27 8.38 2.30
C LEU A 241 -4.03 6.99 1.71
N ALA A 242 -5.06 6.16 1.76
CA ALA A 242 -5.09 4.89 1.05
C ALA A 242 -5.33 5.13 -0.44
N ILE A 243 -4.34 4.77 -1.28
CA ILE A 243 -4.54 4.80 -2.73
C ILE A 243 -4.42 3.40 -3.32
N ALA A 244 -4.76 3.34 -4.61
CA ALA A 244 -4.64 2.15 -5.42
C ALA A 244 -3.83 2.56 -6.64
N VAL A 245 -2.94 1.66 -7.05
CA VAL A 245 -2.13 1.88 -8.23
C VAL A 245 -2.19 0.61 -9.09
N ASP A 246 -1.88 0.82 -10.36
CA ASP A 246 -1.35 -0.22 -11.22
C ASP A 246 0.04 -0.56 -10.69
N ALA A 247 0.28 -1.83 -10.39
CA ALA A 247 1.53 -2.20 -9.78
C ALA A 247 2.49 -2.87 -10.77
N THR A 248 2.12 -2.86 -12.06
CA THR A 248 2.86 -3.65 -13.04
C THR A 248 4.34 -3.26 -13.09
N SER A 249 4.65 -1.97 -12.92
CA SER A 249 6.02 -1.50 -13.05
C SER A 249 6.78 -1.59 -11.73
N PHE A 250 6.15 -2.17 -10.72
CA PHE A 250 6.65 -2.14 -9.34
C PHE A 250 7.60 -3.30 -9.08
N MET A 251 7.56 -4.29 -9.97
CA MET A 251 8.08 -5.62 -9.71
C MET A 251 9.58 -5.59 -9.49
N ASP A 252 10.29 -4.90 -10.39
CA ASP A 252 11.73 -4.98 -10.51
C ASP A 252 12.34 -3.67 -10.01
N TYR A 253 11.49 -2.77 -9.52
CA TYR A 253 11.95 -1.49 -9.00
C TYR A 253 12.89 -1.65 -7.81
N ASN A 254 13.99 -0.88 -7.83
CA ASN A 254 14.96 -0.82 -6.75
C ASN A 254 14.94 0.56 -6.09
N GLY A 255 14.82 1.62 -6.90
CA GLY A 255 14.78 2.94 -6.32
C GLY A 255 14.64 4.03 -7.37
N GLY A 256 14.51 5.27 -6.92
CA GLY A 256 14.36 6.40 -7.83
C GLY A 256 12.91 6.90 -7.90
N ILE A 257 12.63 7.65 -8.99
CA ILE A 257 11.33 8.20 -9.29
C ILE A 257 10.85 7.58 -10.59
N LEU A 258 9.70 6.90 -10.56
CA LEU A 258 9.10 6.35 -11.77
C LEU A 258 8.55 7.49 -12.63
N THR A 259 8.71 7.36 -13.95
CA THR A 259 8.20 8.41 -14.84
C THR A 259 7.42 7.82 -16.01
N SER A 260 7.70 6.57 -16.39
CA SER A 260 6.79 5.93 -17.32
C SER A 260 6.10 4.73 -16.65
N CYS A 261 5.53 4.93 -15.44
CA CYS A 261 4.77 3.88 -14.77
C CYS A 261 3.73 3.32 -15.75
N THR A 262 3.68 1.99 -15.91
CA THR A 262 2.52 1.42 -16.57
C THR A 262 1.26 1.92 -15.85
N SER A 263 0.31 2.42 -16.65
CA SER A 263 -0.89 3.00 -16.11
C SER A 263 -2.08 2.56 -16.96
N GLU A 264 -2.45 1.27 -16.83
CA GLU A 264 -3.55 0.68 -17.58
C GLU A 264 -4.70 0.20 -16.65
N GLN A 265 -4.37 -0.49 -15.56
CA GLN A 265 -5.42 -1.10 -14.72
C GLN A 265 -5.04 -1.07 -13.25
N LEU A 266 -5.96 -0.63 -12.40
CA LEU A 266 -5.70 -0.55 -10.97
C LEU A 266 -5.74 -1.92 -10.43
N ASP A 267 -4.74 -2.31 -9.67
CA ASP A 267 -4.71 -3.62 -9.09
C ASP A 267 -4.04 -3.84 -7.72
N HIS A 268 -3.64 -2.76 -7.06
CA HIS A 268 -2.90 -2.87 -5.78
C HIS A 268 -3.21 -1.67 -4.90
N GLY A 269 -3.38 -1.91 -3.62
CA GLY A 269 -3.61 -0.85 -2.66
C GLY A 269 -2.32 -0.40 -1.97
N VAL A 270 -1.95 0.86 -2.17
CA VAL A 270 -0.75 1.37 -1.45
C VAL A 270 -1.14 2.61 -0.65
N LEU A 271 -0.17 3.24 -0.02
CA LEU A 271 -0.43 4.41 0.83
C LEU A 271 0.47 5.60 0.51
N LEU A 272 -0.19 6.70 0.16
CA LEU A 272 0.49 7.98 -0.16
C LEU A 272 0.94 8.68 1.11
N VAL A 273 2.24 8.82 1.32
CA VAL A 273 2.69 9.42 2.57
C VAL A 273 3.22 10.84 2.37
N GLY A 274 3.39 11.27 1.11
CA GLY A 274 3.94 12.61 0.88
C GLY A 274 4.21 12.89 -0.59
N TYR A 275 4.90 14.00 -0.83
CA TYR A 275 5.27 14.43 -2.21
C TYR A 275 6.33 15.52 -2.12
N ASN A 276 6.79 16.02 -3.26
CA ASN A 276 7.81 17.05 -3.31
C ASN A 276 7.77 17.68 -4.69
N ASP A 277 7.46 18.98 -4.71
CA ASP A 277 7.30 19.73 -5.96
C ASP A 277 8.63 20.33 -6.40
N ALA A 278 9.56 20.49 -5.45
CA ALA A 278 10.83 21.14 -5.72
C ALA A 278 11.87 20.11 -6.17
N SER A 279 11.49 19.24 -7.11
CA SER A 279 12.38 18.24 -7.66
C SER A 279 12.18 18.17 -9.17
N ASN A 280 13.17 17.63 -9.90
CA ASN A 280 13.13 17.58 -11.36
C ASN A 280 13.22 16.14 -11.84
N PRO A 281 12.08 15.42 -12.01
CA PRO A 281 10.75 15.99 -11.82
C PRO A 281 10.20 15.79 -10.41
N PRO A 282 9.02 16.38 -10.07
CA PRO A 282 8.40 16.20 -8.75
C PRO A 282 7.69 14.85 -8.66
N TYR A 283 7.38 14.42 -7.43
CA TYR A 283 7.09 13.01 -7.21
C TYR A 283 6.16 12.84 -6.01
N TRP A 284 5.46 11.70 -6.00
CA TRP A 284 4.70 11.22 -4.86
C TRP A 284 5.56 10.24 -4.08
N ILE A 285 5.40 10.22 -2.76
CA ILE A 285 6.06 9.24 -1.92
C ILE A 285 4.99 8.26 -1.42
N ILE A 286 5.23 6.98 -1.74
CA ILE A 286 4.29 5.88 -1.52
C ILE A 286 4.95 4.81 -0.65
N LYS A 287 4.16 4.30 0.32
CA LYS A 287 4.58 3.19 1.16
C LYS A 287 3.87 1.93 0.70
N ASN A 288 4.62 0.86 0.53
CA ASN A 288 4.15 -0.45 0.09
C ASN A 288 4.09 -1.48 1.23
N SER A 289 3.50 -2.65 1.02
CA SER A 289 3.41 -3.66 2.06
C SER A 289 4.37 -4.81 1.84
N TRP A 290 5.43 -4.54 1.06
CA TRP A 290 6.44 -5.56 0.77
C TRP A 290 7.69 -5.33 1.59
N SER A 291 7.53 -5.36 2.91
CA SER A 291 8.63 -5.16 3.86
C SER A 291 9.45 -3.90 3.54
N ASN A 292 10.77 -4.03 3.64
CA ASN A 292 11.67 -2.91 3.38
C ASN A 292 12.77 -3.33 2.41
N MET A 293 12.91 -4.64 2.21
CA MET A 293 13.91 -5.18 1.32
C MET A 293 13.66 -4.77 -0.14
N TRP A 294 12.45 -4.32 -0.41
CA TRP A 294 12.01 -3.90 -1.74
C TRP A 294 12.03 -2.38 -1.89
N GLY A 295 12.47 -1.92 -3.05
CA GLY A 295 12.53 -0.50 -3.38
C GLY A 295 13.40 0.30 -2.41
N GLU A 296 12.95 1.51 -2.09
CA GLU A 296 13.68 2.48 -1.30
C GLU A 296 13.29 2.33 0.16
N ASP A 297 13.64 1.17 0.72
CA ASP A 297 13.31 0.75 2.08
C ASP A 297 11.82 0.58 2.24
N GLY A 298 11.20 -0.02 1.22
CA GLY A 298 9.80 -0.37 1.28
C GLY A 298 8.96 0.74 0.66
N TYR A 299 9.64 1.68 0.00
CA TYR A 299 9.01 2.91 -0.47
C TYR A 299 9.30 3.13 -1.95
N ILE A 300 8.38 3.83 -2.61
CA ILE A 300 8.55 4.13 -4.02
C ILE A 300 8.12 5.58 -4.26
N ARG A 301 8.77 6.20 -5.26
CA ARG A 301 8.53 7.58 -5.64
C ARG A 301 8.08 7.54 -7.09
N ILE A 302 6.94 8.20 -7.38
CA ILE A 302 6.47 8.28 -8.76
C ILE A 302 6.24 9.74 -9.12
N GLU A 303 6.40 10.07 -10.41
CA GLU A 303 6.20 11.43 -10.85
C GLU A 303 4.78 11.88 -10.52
N LYS A 304 4.68 13.08 -9.94
CA LYS A 304 3.42 13.73 -9.64
C LYS A 304 2.95 14.49 -10.89
N GLY A 305 1.61 14.56 -11.04
CA GLY A 305 0.97 15.47 -11.98
C GLY A 305 0.86 14.90 -13.40
N THR A 306 1.00 13.59 -13.56
CA THR A 306 0.71 12.98 -14.86
C THR A 306 -0.06 11.68 -14.66
N ASN A 307 -0.65 11.53 -13.46
CA ASN A 307 -1.47 10.41 -13.03
C ASN A 307 -0.71 9.09 -13.16
N GLN A 308 0.51 9.03 -12.59
CA GLN A 308 1.35 7.86 -12.75
C GLN A 308 0.73 6.68 -11.98
N CYS A 309 0.71 5.50 -12.63
CA CYS A 309 0.20 4.27 -12.03
C CYS A 309 -1.28 4.44 -11.69
N LEU A 310 -1.86 5.56 -12.12
CA LEU A 310 -3.27 5.92 -12.00
C LEU A 310 -3.60 6.18 -10.55
N MET A 311 -2.64 6.79 -9.83
CA MET A 311 -2.75 6.88 -8.38
C MET A 311 -3.99 7.66 -7.93
N ASN A 312 -4.58 8.47 -8.82
CA ASN A 312 -5.62 9.39 -8.40
C ASN A 312 -7.01 8.73 -8.45
N GLN A 313 -7.07 7.49 -8.94
CA GLN A 313 -8.34 6.92 -9.35
C GLN A 313 -9.14 6.44 -8.13
N ALA A 314 -8.46 6.02 -7.05
CA ALA A 314 -9.15 5.37 -5.94
C ALA A 314 -8.53 5.79 -4.61
N VAL A 315 -8.39 7.11 -4.42
CA VAL A 315 -7.86 7.69 -3.19
C VAL A 315 -9.04 7.81 -2.21
N SER A 316 -8.74 7.51 -0.94
CA SER A 316 -9.73 7.49 0.11
C SER A 316 -9.04 7.61 1.46
N SER A 317 -9.79 8.02 2.49
CA SER A 317 -9.23 8.31 3.78
C SER A 317 -10.29 8.18 4.86
N ALA A 318 -9.94 7.47 5.94
CA ALA A 318 -10.75 7.43 7.14
C ALA A 318 -10.82 8.84 7.74
N VAL A 319 -11.94 9.11 8.42
CA VAL A 319 -12.11 10.36 9.14
C VAL A 319 -12.00 10.08 10.63
N VAL A 320 -11.12 10.85 11.27
CA VAL A 320 -10.95 10.89 12.71
C VAL A 320 -11.58 12.18 13.23
N GLY A 321 -12.37 12.04 14.30
CA GLY A 321 -12.88 13.16 15.06
C GLY A 321 -12.53 13.00 16.54
N GLY A 322 -13.53 12.72 17.37
CA GLY A 322 -13.32 12.52 18.79
C GLY A 322 -13.35 13.80 19.61
N PRO A 323 -12.41 13.93 20.55
CA PRO A 323 -12.29 15.10 21.44
C PRO A 323 -12.08 16.40 20.68
N GLU A 324 -12.60 17.50 21.24
CA GLU A 324 -12.47 18.81 20.62
C GLU A 324 -12.34 19.89 21.68
N ASN A 325 -11.36 19.72 22.56
CA ASN A 325 -11.13 20.68 23.64
C ASN A 325 -10.02 21.67 23.29
N LEU A 326 -9.75 21.82 22.00
CA LEU A 326 -8.71 22.73 21.54
C LEU A 326 -8.92 24.14 22.08
N TYR A 327 -10.10 24.71 21.82
CA TYR A 327 -10.42 26.06 22.27
C TYR A 327 -11.20 26.07 23.58
N PHE A 328 -11.02 25.03 24.39
CA PHE A 328 -11.72 24.93 25.67
C PHE A 328 -10.74 24.72 26.82
N GLN A 329 -9.45 24.83 26.52
CA GLN A 329 -8.41 24.65 27.53
C GLN A 329 -7.10 25.29 27.08
#